data_7UY4
#
_entry.id   7UY4
#
_cell.length_a   50.043
_cell.length_b   106.958
_cell.length_c   114.148
_cell.angle_alpha   90.00
_cell.angle_beta   90.00
_cell.angle_gamma   90.00
#
_symmetry.space_group_name_H-M   'P 21 21 21'
#
loop_
_entity.id
_entity.type
_entity.pdbx_description
1 polymer "Aminoglycoside (3'') (9) adenylyltransferase"
2 non-polymer 'PHOSPHOAMINOPHOSPHONIC ACID-ADENYLATE ESTER'
3 non-polymer SPECTINOMYCIN
4 non-polymer 'MAGNESIUM ION'
5 water water
#
_entity_poly.entity_id   1
_entity_poly.type   'polypeptide(L)'
_entity_poly.pdbx_seq_one_letter_code
;VIAEVSTQLSEVVGVIERHLEPTLLAVHLYGSAVDGGLKPHSDIDLLVTVTVRLDETTRRALINDLLETSASPGESEILR
AVEVTIVVHDDIIPWRYPAKRELQFGEWQRNDILAGIFEPATIDIDLAILLTKAREHSVALVGPAAEELFDPVPEQDLFE
ALNETLTLWNSPPDWAGDDRNVVLTLSRIWYSAVTGKIAPKDVAADWAMERLPAQYQPVILEARQAYLGNEEDRLASRAD
QLEEFVHYVKGEITKVVG
;
_entity_poly.pdbx_strand_id   A,B
#
loop_
_chem_comp.id
_chem_comp.type
_chem_comp.name
_chem_comp.formula
ANP non-polymer 'PHOSPHOAMINOPHOSPHONIC ACID-ADENYLATE ESTER' 'C10 H17 N6 O12 P3'
MG non-polymer 'MAGNESIUM ION' 'Mg 2'
SMI non-polymer SPECTINOMYCIN 'C14 H26 N2 O8'
#
# COMPACT_ATOMS: atom_id res chain seq x y z
N VAL A 1 17.43 -8.26 -4.18
CA VAL A 1 16.54 -8.08 -5.39
C VAL A 1 16.15 -6.60 -5.57
N ILE A 2 16.28 -6.07 -6.79
CA ILE A 2 16.00 -4.63 -7.11
C ILE A 2 14.90 -4.50 -8.20
N ALA A 3 14.48 -5.63 -8.80
CA ALA A 3 13.47 -5.73 -9.90
C ALA A 3 12.10 -5.20 -9.46
N GLU A 4 11.32 -4.66 -10.41
CA GLU A 4 9.91 -4.27 -10.17
C GLU A 4 9.14 -5.53 -9.71
N VAL A 5 8.28 -5.34 -8.76
CA VAL A 5 7.68 -6.46 -8.00
C VAL A 5 6.29 -6.83 -8.58
N SER A 6 5.72 -6.03 -9.48
CA SER A 6 4.33 -6.24 -9.93
C SER A 6 4.17 -7.58 -10.67
N THR A 7 5.16 -8.05 -11.43
CA THR A 7 5.11 -9.32 -12.20
C THR A 7 4.96 -10.48 -11.22
N GLN A 8 5.86 -10.59 -10.22
CA GLN A 8 5.81 -11.71 -9.31
C GLN A 8 4.53 -11.59 -8.46
N LEU A 9 4.15 -10.37 -8.11
CA LEU A 9 2.95 -10.17 -7.28
C LEU A 9 1.75 -10.77 -8.06
N SER A 10 1.62 -10.48 -9.34
CA SER A 10 0.47 -10.95 -10.15
C SER A 10 0.51 -12.48 -10.29
N GLU A 11 1.70 -13.07 -10.41
CA GLU A 11 1.87 -14.54 -10.46
CA GLU A 11 1.87 -14.54 -10.47
C GLU A 11 1.30 -15.16 -9.17
N VAL A 12 1.64 -14.58 -8.02
CA VAL A 12 1.32 -15.15 -6.68
C VAL A 12 -0.19 -15.05 -6.46
N VAL A 13 -0.77 -13.92 -6.76
CA VAL A 13 -2.24 -13.70 -6.66
C VAL A 13 -2.98 -14.62 -7.63
N GLY A 14 -2.43 -14.84 -8.83
CA GLY A 14 -2.99 -15.82 -9.79
C GLY A 14 -3.04 -17.23 -9.19
N VAL A 15 -2.02 -17.67 -8.49
CA VAL A 15 -2.00 -18.98 -7.79
C VAL A 15 -3.07 -19.03 -6.70
N ILE A 16 -3.16 -17.97 -5.88
CA ILE A 16 -4.14 -17.84 -4.78
C ILE A 16 -5.52 -17.95 -5.43
N GLU A 17 -5.79 -17.22 -6.51
CA GLU A 17 -7.15 -17.16 -7.13
C GLU A 17 -7.52 -18.53 -7.70
N ARG A 18 -6.54 -19.19 -8.30
CA ARG A 18 -6.70 -20.48 -9.01
C ARG A 18 -7.19 -21.52 -8.03
N HIS A 19 -6.69 -21.50 -6.80
CA HIS A 19 -7.04 -22.48 -5.76
C HIS A 19 -8.24 -22.02 -4.95
N LEU A 20 -8.46 -20.72 -4.73
CA LEU A 20 -9.30 -20.29 -3.58
C LEU A 20 -10.41 -19.34 -4.06
N GLU A 21 -10.52 -19.05 -5.36
CA GLU A 21 -11.45 -17.98 -5.82
C GLU A 21 -12.82 -18.17 -5.19
N PRO A 22 -13.38 -19.40 -5.20
CA PRO A 22 -14.74 -19.65 -4.71
C PRO A 22 -14.97 -19.47 -3.20
N THR A 23 -13.92 -19.38 -2.39
CA THR A 23 -13.99 -19.17 -0.92
C THR A 23 -13.20 -17.94 -0.48
N LEU A 24 -12.76 -17.13 -1.45
CA LEU A 24 -11.84 -15.99 -1.18
C LEU A 24 -12.65 -14.81 -0.68
N LEU A 25 -12.23 -14.20 0.41
CA LEU A 25 -12.85 -12.91 0.86
C LEU A 25 -11.92 -11.74 0.54
N ALA A 26 -10.63 -11.90 0.78
CA ALA A 26 -9.69 -10.79 0.62
C ALA A 26 -8.27 -11.30 0.42
N VAL A 27 -7.52 -10.51 -0.33
CA VAL A 27 -6.04 -10.64 -0.45
C VAL A 27 -5.47 -9.28 -0.13
N HIS A 28 -4.62 -9.25 0.88
CA HIS A 28 -3.97 -7.99 1.29
C HIS A 28 -2.45 -8.15 1.11
N LEU A 29 -1.85 -7.27 0.34
CA LEU A 29 -0.40 -7.03 0.34
C LEU A 29 -0.07 -6.15 1.54
N TYR A 30 0.93 -6.55 2.31
CA TYR A 30 1.29 -5.77 3.53
C TYR A 30 2.78 -5.94 3.77
N GLY A 31 3.24 -5.59 4.94
CA GLY A 31 4.67 -5.64 5.26
C GLY A 31 5.43 -4.54 4.55
N SER A 32 6.71 -4.75 4.31
CA SER A 32 7.59 -3.64 3.86
C SER A 32 7.16 -3.18 2.46
N ALA A 33 6.41 -3.96 1.68
CA ALA A 33 5.96 -3.47 0.36
C ALA A 33 5.16 -2.18 0.59
N VAL A 34 4.41 -2.09 1.69
CA VAL A 34 3.43 -0.98 1.92
C VAL A 34 4.00 0.04 2.92
N ASP A 35 4.84 -0.41 3.85
CA ASP A 35 5.35 0.33 5.01
C ASP A 35 6.86 0.31 4.96
N GLY A 36 7.47 1.36 4.38
CA GLY A 36 8.92 1.63 4.37
C GLY A 36 9.54 1.31 3.04
N GLY A 37 8.98 0.30 2.34
CA GLY A 37 9.37 0.02 0.97
C GLY A 37 10.26 -1.18 0.94
N LEU A 38 10.18 -1.98 -0.12
CA LEU A 38 10.92 -3.26 -0.21
C LEU A 38 12.41 -2.95 -0.28
N LYS A 39 13.19 -3.72 0.45
CA LYS A 39 14.67 -3.64 0.43
C LYS A 39 15.19 -4.91 -0.24
N PRO A 40 16.51 -4.99 -0.55
CA PRO A 40 17.04 -6.08 -1.37
C PRO A 40 16.69 -7.50 -0.90
N HIS A 41 16.53 -7.73 0.40
CA HIS A 41 16.24 -9.06 0.98
C HIS A 41 14.74 -9.24 1.28
N SER A 42 13.93 -8.20 1.09
CA SER A 42 12.49 -8.16 1.50
C SER A 42 11.73 -9.27 0.77
N ASP A 43 10.81 -9.90 1.48
CA ASP A 43 9.87 -10.89 0.96
C ASP A 43 8.68 -10.07 0.42
N ILE A 44 7.75 -10.74 -0.23
CA ILE A 44 6.38 -10.25 -0.53
C ILE A 44 5.44 -10.88 0.47
N ASP A 45 4.83 -10.06 1.33
CA ASP A 45 3.94 -10.47 2.42
C ASP A 45 2.49 -10.39 1.93
N LEU A 46 1.82 -11.53 1.86
CA LEU A 46 0.38 -11.58 1.50
C LEU A 46 -0.42 -12.22 2.61
N LEU A 47 -1.61 -11.65 2.84
CA LEU A 47 -2.56 -12.10 3.87
C LEU A 47 -3.87 -12.42 3.12
N VAL A 48 -4.28 -13.67 3.19
CA VAL A 48 -5.44 -14.18 2.43
C VAL A 48 -6.51 -14.58 3.43
N THR A 49 -7.73 -14.11 3.19
CA THR A 49 -8.88 -14.42 4.05
C THR A 49 -9.83 -15.25 3.21
N VAL A 50 -10.13 -16.43 3.73
CA VAL A 50 -11.09 -17.35 3.09
C VAL A 50 -12.32 -17.50 3.98
N THR A 51 -13.44 -17.93 3.41
CA THR A 51 -14.72 -18.05 4.15
C THR A 51 -14.87 -19.44 4.76
N VAL A 52 -14.02 -20.38 4.37
CA VAL A 52 -14.08 -21.77 4.90
C VAL A 52 -12.67 -22.36 4.87
N ARG A 53 -12.41 -23.36 5.71
CA ARG A 53 -11.07 -24.00 5.74
C ARG A 53 -10.83 -24.73 4.42
N LEU A 54 -9.57 -25.06 4.16
CA LEU A 54 -9.13 -25.67 2.86
C LEU A 54 -9.31 -27.18 3.00
N ASP A 55 -9.60 -27.91 1.92
CA ASP A 55 -9.41 -29.38 1.84
C ASP A 55 -7.92 -29.66 1.95
N GLU A 56 -7.52 -30.81 2.45
CA GLU A 56 -6.08 -31.19 2.49
C GLU A 56 -5.48 -31.06 1.09
N THR A 57 -6.17 -31.54 0.05
CA THR A 57 -5.56 -31.57 -1.30
C THR A 57 -5.33 -30.13 -1.77
N THR A 58 -6.29 -29.23 -1.59
CA THR A 58 -6.15 -27.80 -1.87
C THR A 58 -4.97 -27.16 -1.12
N ARG A 59 -4.73 -27.47 0.15
CA ARG A 59 -3.53 -27.05 0.92
C ARG A 59 -2.29 -27.43 0.11
N ARG A 60 -2.21 -28.67 -0.40
CA ARG A 60 -0.98 -29.21 -1.02
C ARG A 60 -0.75 -28.60 -2.41
N ALA A 61 -1.83 -28.40 -3.16
CA ALA A 61 -1.82 -27.83 -4.50
C ALA A 61 -1.30 -26.41 -4.35
N LEU A 62 -1.95 -25.65 -3.50
CA LEU A 62 -1.57 -24.23 -3.32
C LEU A 62 -0.11 -24.18 -2.83
N ILE A 63 0.25 -24.98 -1.80
CA ILE A 63 1.64 -24.84 -1.27
C ILE A 63 2.63 -25.13 -2.40
N ASN A 64 2.44 -26.24 -3.13
CA ASN A 64 3.35 -26.61 -4.24
C ASN A 64 3.43 -25.44 -5.26
N ASP A 65 2.29 -24.91 -5.66
CA ASP A 65 2.21 -23.87 -6.71
C ASP A 65 2.93 -22.59 -6.21
N LEU A 66 2.74 -22.22 -4.96
CA LEU A 66 3.35 -20.97 -4.39
C LEU A 66 4.86 -21.15 -4.42
N LEU A 67 5.35 -22.34 -4.12
CA LEU A 67 6.82 -22.57 -4.13
C LEU A 67 7.41 -22.30 -5.51
N GLU A 68 6.65 -22.62 -6.56
CA GLU A 68 7.07 -22.37 -7.96
C GLU A 68 7.05 -20.86 -8.23
N THR A 69 6.35 -20.02 -7.46
CA THR A 69 6.32 -18.56 -7.74
C THR A 69 7.45 -17.83 -7.01
N SER A 70 8.21 -18.53 -6.16
CA SER A 70 9.06 -17.99 -5.08
C SER A 70 10.52 -18.41 -5.28
N ALA A 71 11.46 -17.65 -4.74
CA ALA A 71 12.90 -17.99 -4.78
C ALA A 71 13.48 -17.86 -3.37
N SER A 72 14.33 -18.82 -3.02
CA SER A 72 15.14 -18.79 -1.79
C SER A 72 15.91 -17.48 -1.76
N PRO A 73 15.94 -16.76 -0.63
CA PRO A 73 16.72 -15.53 -0.51
C PRO A 73 18.15 -15.72 -1.05
N GLY A 74 18.59 -14.80 -1.91
CA GLY A 74 19.95 -14.76 -2.51
C GLY A 74 20.14 -15.73 -3.66
N GLU A 75 19.06 -16.30 -4.21
CA GLU A 75 19.14 -17.29 -5.31
C GLU A 75 18.53 -16.67 -6.56
N SER A 76 18.09 -15.41 -6.52
CA SER A 76 17.40 -14.80 -7.67
C SER A 76 17.53 -13.29 -7.62
N GLU A 77 17.83 -12.69 -8.77
CA GLU A 77 17.90 -11.22 -8.95
C GLU A 77 16.48 -10.71 -9.28
N ILE A 78 15.58 -11.58 -9.75
CA ILE A 78 14.21 -11.21 -10.23
C ILE A 78 13.10 -11.67 -9.24
N LEU A 79 13.21 -12.82 -8.60
CA LEU A 79 12.13 -13.38 -7.73
C LEU A 79 12.50 -13.16 -6.27
N ARG A 80 11.59 -12.57 -5.50
CA ARG A 80 11.68 -12.45 -4.01
C ARG A 80 11.12 -13.72 -3.36
N ALA A 81 11.48 -13.94 -2.11
CA ALA A 81 10.82 -14.92 -1.22
C ALA A 81 9.35 -14.48 -1.13
N VAL A 82 8.41 -15.40 -1.28
CA VAL A 82 6.94 -15.15 -1.18
C VAL A 82 6.49 -15.67 0.16
N GLU A 83 5.58 -14.96 0.80
CA GLU A 83 4.98 -15.37 2.06
C GLU A 83 3.46 -15.16 1.96
N VAL A 84 2.73 -16.23 2.20
CA VAL A 84 1.25 -16.18 2.16
C VAL A 84 0.74 -16.74 3.46
N THR A 85 -0.08 -15.95 4.16
CA THR A 85 -0.77 -16.39 5.37
C THR A 85 -2.25 -16.43 5.05
N ILE A 86 -2.88 -17.55 5.34
CA ILE A 86 -4.35 -17.75 5.10
C ILE A 86 -5.00 -17.77 6.47
N VAL A 87 -6.06 -16.99 6.63
CA VAL A 87 -6.92 -17.06 7.84
C VAL A 87 -8.33 -17.33 7.34
N VAL A 88 -9.07 -18.10 8.13
CA VAL A 88 -10.50 -18.41 7.93
C VAL A 88 -11.29 -17.33 8.69
N HIS A 89 -12.23 -16.70 7.99
CA HIS A 89 -13.09 -15.64 8.52
C HIS A 89 -13.43 -15.92 9.99
N ASP A 90 -14.11 -17.03 10.32
CA ASP A 90 -14.70 -17.28 11.66
C ASP A 90 -13.63 -17.60 12.69
N ASP A 91 -12.40 -17.93 12.27
CA ASP A 91 -11.23 -18.10 13.16
C ASP A 91 -10.68 -16.75 13.68
N ILE A 92 -10.81 -15.66 12.90
CA ILE A 92 -10.14 -14.37 13.25
C ILE A 92 -11.19 -13.28 13.47
N ILE A 93 -12.47 -13.50 13.11
CA ILE A 93 -13.56 -12.50 13.30
C ILE A 93 -14.71 -13.22 13.99
N PRO A 94 -15.03 -12.90 15.26
CA PRO A 94 -14.40 -11.81 16.02
C PRO A 94 -12.95 -12.07 16.47
N TRP A 95 -12.13 -11.04 16.66
CA TRP A 95 -10.75 -11.22 17.14
C TRP A 95 -10.74 -11.85 18.54
N ARG A 96 -9.97 -12.91 18.74
N ARG A 96 -9.97 -12.93 18.67
CA ARG A 96 -9.69 -13.41 20.12
CA ARG A 96 -9.66 -13.63 19.93
C ARG A 96 -8.33 -14.10 20.12
C ARG A 96 -8.15 -13.89 19.96
N TYR A 97 -7.52 -13.75 21.12
CA TYR A 97 -6.10 -14.11 21.29
C TYR A 97 -5.97 -15.35 22.14
N PRO A 98 -5.16 -16.34 21.72
CA PRO A 98 -4.57 -16.36 20.39
C PRO A 98 -5.53 -16.94 19.33
N ALA A 99 -5.25 -16.65 18.08
CA ALA A 99 -6.09 -17.05 16.92
C ALA A 99 -5.38 -18.18 16.15
N LYS A 100 -6.21 -18.98 15.49
CA LYS A 100 -5.85 -20.08 14.55
C LYS A 100 -5.48 -19.49 13.21
N ARG A 101 -4.33 -19.94 12.70
CA ARG A 101 -3.89 -19.70 11.34
C ARG A 101 -4.17 -20.93 10.49
N GLU A 102 -4.92 -20.76 9.42
CA GLU A 102 -5.31 -21.91 8.56
C GLU A 102 -4.06 -22.45 7.81
N LEU A 103 -3.25 -21.59 7.22
CA LEU A 103 -2.10 -22.00 6.38
C LEU A 103 -1.08 -20.87 6.37
N GLN A 104 0.20 -21.24 6.34
CA GLN A 104 1.26 -20.27 6.00
C GLN A 104 2.24 -20.95 5.06
N PHE A 105 2.63 -20.20 4.04
CA PHE A 105 3.68 -20.56 3.08
C PHE A 105 4.80 -19.54 3.20
N GLY A 106 6.01 -20.05 3.22
CA GLY A 106 7.19 -19.21 3.10
C GLY A 106 8.41 -20.03 2.78
N GLU A 107 9.49 -19.35 2.43
CA GLU A 107 10.74 -19.98 1.91
C GLU A 107 11.42 -20.78 3.01
N TRP A 108 11.11 -20.49 4.28
CA TRP A 108 11.70 -21.28 5.39
C TRP A 108 11.20 -22.72 5.32
N GLN A 109 10.14 -22.98 4.54
CA GLN A 109 9.49 -24.31 4.42
C GLN A 109 10.06 -25.08 3.22
N ARG A 110 10.89 -24.47 2.38
CA ARG A 110 11.22 -25.00 1.02
C ARG A 110 11.62 -26.48 1.13
N ASN A 111 12.56 -26.78 2.02
CA ASN A 111 13.10 -28.15 2.28
C ASN A 111 11.93 -29.09 2.65
N ASP A 112 11.14 -28.68 3.64
CA ASP A 112 9.97 -29.43 4.09
C ASP A 112 9.10 -29.71 2.88
N ILE A 113 8.75 -28.68 2.10
CA ILE A 113 7.73 -28.85 1.03
C ILE A 113 8.27 -29.87 0.01
N LEU A 114 9.58 -29.81 -0.27
CA LEU A 114 10.23 -30.65 -1.31
C LEU A 114 10.24 -32.12 -0.84
N ALA A 115 10.19 -32.34 0.49
CA ALA A 115 10.07 -33.66 1.15
C ALA A 115 8.61 -34.04 1.43
N GLY A 116 7.62 -33.29 0.92
CA GLY A 116 6.20 -33.60 1.11
C GLY A 116 5.69 -33.40 2.53
N ILE A 117 6.28 -32.49 3.31
CA ILE A 117 5.74 -31.99 4.61
C ILE A 117 4.96 -30.69 4.35
N PHE A 118 3.63 -30.75 4.50
CA PHE A 118 2.69 -29.62 4.34
C PHE A 118 2.15 -29.18 5.71
N GLU A 119 2.62 -28.02 6.19
CA GLU A 119 2.35 -27.54 7.58
C GLU A 119 0.85 -27.35 7.73
N PRO A 120 0.23 -27.97 8.76
CA PRO A 120 -1.21 -27.85 8.95
C PRO A 120 -1.53 -26.59 9.75
N ALA A 121 -2.81 -26.31 9.90
CA ALA A 121 -3.35 -25.17 10.68
C ALA A 121 -2.81 -25.26 12.09
N THR A 122 -2.63 -24.11 12.72
CA THR A 122 -2.05 -24.05 14.08
C THR A 122 -2.55 -22.78 14.72
N ILE A 123 -2.52 -22.76 16.04
CA ILE A 123 -2.47 -21.47 16.79
C ILE A 123 -1.29 -20.70 16.25
N ASP A 124 -1.47 -19.40 16.03
CA ASP A 124 -0.28 -18.59 15.74
C ASP A 124 -0.37 -17.28 16.52
N ILE A 125 0.51 -17.08 17.50
CA ILE A 125 0.45 -15.85 18.33
C ILE A 125 0.82 -14.65 17.44
N ASP A 126 1.62 -14.89 16.40
CA ASP A 126 2.14 -13.90 15.43
C ASP A 126 0.98 -13.21 14.68
N LEU A 127 -0.21 -13.82 14.60
CA LEU A 127 -1.35 -13.16 13.92
C LEU A 127 -1.68 -11.80 14.59
N ALA A 128 -1.50 -11.67 15.92
CA ALA A 128 -1.73 -10.43 16.70
C ALA A 128 -0.89 -9.32 16.08
N ILE A 129 0.34 -9.65 15.67
CA ILE A 129 1.29 -8.68 15.09
C ILE A 129 0.96 -8.48 13.61
N LEU A 130 0.73 -9.54 12.85
CA LEU A 130 0.51 -9.46 11.39
C LEU A 130 -0.79 -8.67 11.15
N LEU A 131 -1.80 -8.89 11.96
CA LEU A 131 -3.12 -8.25 11.67
C LEU A 131 -3.07 -6.77 12.06
N THR A 132 -2.24 -6.44 13.04
CA THR A 132 -2.02 -5.05 13.49
C THR A 132 -1.30 -4.33 12.35
N LYS A 133 -0.23 -4.94 11.81
CA LYS A 133 0.48 -4.37 10.63
C LYS A 133 -0.51 -4.22 9.46
N ALA A 134 -1.26 -5.27 9.10
CA ALA A 134 -2.08 -5.26 7.87
C ALA A 134 -3.15 -4.17 8.02
N ARG A 135 -3.75 -4.01 9.19
CA ARG A 135 -4.87 -3.01 9.38
C ARG A 135 -4.33 -1.58 9.19
N GLU A 136 -3.09 -1.33 9.58
CA GLU A 136 -2.43 0.01 9.52
C GLU A 136 -1.94 0.30 8.10
N HIS A 137 -1.27 -0.67 7.45
CA HIS A 137 -0.67 -0.50 6.10
C HIS A 137 -0.85 -1.77 5.28
N SER A 138 -1.77 -1.74 4.30
CA SER A 138 -1.94 -2.80 3.31
C SER A 138 -2.70 -2.29 2.08
N VAL A 139 -2.65 -3.12 1.04
CA VAL A 139 -3.39 -2.95 -0.23
C VAL A 139 -4.35 -4.12 -0.33
N ALA A 140 -5.66 -3.81 -0.43
CA ALA A 140 -6.66 -4.83 -0.79
C ALA A 140 -6.52 -5.12 -2.28
N LEU A 141 -5.83 -6.21 -2.64
CA LEU A 141 -5.64 -6.57 -4.07
C LEU A 141 -6.97 -7.13 -4.55
N VAL A 142 -7.73 -7.64 -3.59
CA VAL A 142 -9.15 -8.06 -3.78
C VAL A 142 -9.87 -8.01 -2.42
N GLY A 143 -11.14 -7.60 -2.46
CA GLY A 143 -12.05 -7.55 -1.31
C GLY A 143 -11.88 -6.29 -0.49
N PRO A 144 -12.45 -6.25 0.74
CA PRO A 144 -12.43 -5.03 1.54
C PRO A 144 -11.05 -4.68 2.14
N ALA A 145 -10.86 -3.42 2.48
CA ALA A 145 -9.66 -2.91 3.20
C ALA A 145 -9.46 -3.70 4.51
N ALA A 146 -8.22 -4.01 4.87
CA ALA A 146 -7.92 -4.75 6.11
C ALA A 146 -8.61 -4.08 7.33
N GLU A 147 -8.59 -2.73 7.38
CA GLU A 147 -9.15 -1.87 8.45
C GLU A 147 -10.60 -2.26 8.74
N GLU A 148 -11.37 -2.51 7.69
CA GLU A 148 -12.82 -2.78 7.75
C GLU A 148 -13.01 -4.27 8.04
N LEU A 149 -12.22 -5.13 7.40
CA LEU A 149 -12.47 -6.59 7.53
C LEU A 149 -12.17 -7.04 8.96
N PHE A 150 -10.97 -6.69 9.45
CA PHE A 150 -10.41 -7.22 10.70
C PHE A 150 -10.77 -6.28 11.84
N ASP A 151 -11.25 -6.87 12.93
CA ASP A 151 -11.35 -6.22 14.24
C ASP A 151 -9.99 -5.65 14.61
N PRO A 152 -9.98 -4.48 15.26
CA PRO A 152 -8.77 -4.03 15.94
C PRO A 152 -8.18 -5.14 16.84
N VAL A 153 -6.85 -5.25 16.84
CA VAL A 153 -6.17 -6.18 17.77
C VAL A 153 -5.89 -5.36 19.02
N PRO A 154 -6.51 -5.63 20.19
CA PRO A 154 -6.18 -4.91 21.40
C PRO A 154 -4.69 -4.78 21.68
N GLU A 155 -4.31 -3.66 22.26
CA GLU A 155 -2.88 -3.37 22.54
C GLU A 155 -2.32 -4.34 23.56
N GLN A 156 -3.19 -4.90 24.41
N GLN A 156 -3.18 -4.90 24.41
CA GLN A 156 -2.74 -5.89 25.41
CA GLN A 156 -2.70 -5.87 25.40
C GLN A 156 -2.39 -7.20 24.70
C GLN A 156 -2.38 -7.20 24.70
N ASP A 157 -3.06 -7.46 23.58
CA ASP A 157 -2.81 -8.72 22.82
C ASP A 157 -1.52 -8.52 22.04
N LEU A 158 -1.39 -7.34 21.44
CA LEU A 158 -0.11 -7.01 20.77
C LEU A 158 1.05 -7.19 21.75
N PHE A 159 0.93 -6.59 22.94
CA PHE A 159 2.01 -6.54 23.96
C PHE A 159 2.38 -7.97 24.36
N GLU A 160 1.38 -8.83 24.61
CA GLU A 160 1.56 -10.25 24.99
C GLU A 160 2.23 -11.01 23.85
N ALA A 161 1.79 -10.82 22.60
CA ALA A 161 2.41 -11.52 21.45
C ALA A 161 3.87 -11.09 21.29
N LEU A 162 4.15 -9.81 21.48
CA LEU A 162 5.54 -9.32 21.40
C LEU A 162 6.37 -10.04 22.48
N ASN A 163 5.87 -10.11 23.73
CA ASN A 163 6.72 -10.64 24.82
CA ASN A 163 6.64 -10.67 24.87
C ASN A 163 6.84 -12.17 24.61
N GLU A 164 5.77 -12.82 24.20
CA GLU A 164 5.80 -14.28 24.04
C GLU A 164 6.76 -14.66 22.93
N THR A 165 6.88 -13.83 21.87
CA THR A 165 7.75 -14.16 20.73
C THR A 165 9.19 -14.37 21.21
N LEU A 166 9.60 -13.62 22.25
CA LEU A 166 10.98 -13.66 22.79
C LEU A 166 11.34 -15.06 23.27
N THR A 167 10.37 -15.94 23.61
CA THR A 167 10.60 -17.33 24.07
C THR A 167 11.32 -18.14 23.01
N LEU A 168 11.31 -17.67 21.75
CA LEU A 168 11.90 -18.41 20.62
C LEU A 168 13.42 -18.38 20.69
N TRP A 169 14.01 -17.40 21.40
CA TRP A 169 15.47 -17.07 21.29
C TRP A 169 16.12 -17.08 22.70
N ASN A 170 16.81 -18.16 23.03
CA ASN A 170 17.47 -18.34 24.35
C ASN A 170 18.97 -18.60 24.17
N SER A 171 19.35 -19.36 23.14
CA SER A 171 20.75 -19.79 22.85
C SER A 171 21.04 -19.70 21.36
N PRO A 172 22.34 -19.66 20.96
CA PRO A 172 22.74 -19.44 19.56
C PRO A 172 22.16 -20.31 18.45
N PRO A 173 21.79 -21.60 18.65
CA PRO A 173 21.19 -22.37 17.57
C PRO A 173 19.78 -21.86 17.22
N ASP A 174 19.13 -21.15 18.16
CA ASP A 174 17.74 -20.63 17.99
C ASP A 174 17.70 -19.51 16.95
N TRP A 175 18.84 -18.90 16.66
CA TRP A 175 18.96 -17.82 15.66
C TRP A 175 20.07 -18.14 14.66
N ALA A 176 20.61 -19.36 14.64
CA ALA A 176 21.71 -19.80 13.76
C ALA A 176 21.48 -19.35 12.31
N GLY A 177 20.36 -19.74 11.68
CA GLY A 177 20.15 -19.46 10.25
C GLY A 177 19.84 -18.00 9.93
N ASP A 178 19.44 -17.19 10.91
CA ASP A 178 18.56 -16.03 10.65
C ASP A 178 18.99 -14.83 11.51
N ASP A 179 20.31 -14.64 11.59
CA ASP A 179 21.00 -13.74 12.55
C ASP A 179 20.50 -12.30 12.31
N ARG A 180 20.49 -11.81 11.07
CA ARG A 180 20.09 -10.40 10.77
C ARG A 180 18.66 -10.18 11.24
N ASN A 181 17.72 -11.05 10.85
CA ASN A 181 16.29 -10.83 11.15
C ASN A 181 16.02 -10.98 12.65
N VAL A 182 16.77 -11.81 13.39
CA VAL A 182 16.47 -11.97 14.85
C VAL A 182 16.87 -10.66 15.52
N VAL A 183 18.07 -10.14 15.16
CA VAL A 183 18.53 -8.83 15.66
C VAL A 183 17.49 -7.77 15.30
N LEU A 184 17.10 -7.64 14.03
CA LEU A 184 16.17 -6.55 13.65
C LEU A 184 14.82 -6.80 14.29
N THR A 185 14.42 -8.06 14.47
CA THR A 185 13.12 -8.37 15.09
C THR A 185 13.15 -8.02 16.58
N LEU A 186 14.25 -8.28 17.29
CA LEU A 186 14.42 -7.84 18.71
C LEU A 186 14.26 -6.32 18.86
N SER A 187 14.86 -5.53 17.96
CA SER A 187 14.77 -4.05 17.94
C SER A 187 13.33 -3.64 17.70
N ARG A 188 12.66 -4.27 16.72
CA ARG A 188 11.22 -3.99 16.45
C ARG A 188 10.38 -4.32 17.67
N ILE A 189 10.64 -5.43 18.34
CA ILE A 189 9.81 -5.83 19.53
C ILE A 189 10.03 -4.80 20.64
N TRP A 190 11.28 -4.44 20.86
CA TRP A 190 11.62 -3.40 21.88
C TRP A 190 10.91 -2.08 21.56
N TYR A 191 11.10 -1.60 20.33
CA TYR A 191 10.40 -0.40 19.83
C TYR A 191 8.90 -0.49 20.11
N SER A 192 8.27 -1.61 19.71
CA SER A 192 6.80 -1.77 19.78
C SER A 192 6.36 -1.87 21.21
N ALA A 193 7.16 -2.49 22.08
CA ALA A 193 6.74 -2.63 23.49
C ALA A 193 6.69 -1.25 24.17
N VAL A 194 7.65 -0.38 23.88
CA VAL A 194 7.71 1.00 24.45
C VAL A 194 6.68 1.89 23.73
N THR A 195 6.60 1.85 22.39
CA THR A 195 5.84 2.87 21.62
C THR A 195 4.40 2.45 21.38
N GLY A 196 4.13 1.12 21.36
CA GLY A 196 2.83 0.59 20.91
C GLY A 196 2.74 0.62 19.41
N LYS A 197 3.75 1.11 18.72
CA LYS A 197 3.70 1.27 17.26
C LYS A 197 4.56 0.19 16.60
N ILE A 198 4.38 0.08 15.30
CA ILE A 198 5.18 -0.83 14.44
C ILE A 198 6.00 0.04 13.51
N ALA A 199 7.28 -0.32 13.37
CA ALA A 199 8.23 0.43 12.54
C ALA A 199 8.92 -0.54 11.59
N PRO A 200 9.35 -0.08 10.41
CA PRO A 200 10.18 -0.90 9.53
C PRO A 200 11.48 -1.30 10.24
N LYS A 201 12.08 -2.37 9.76
CA LYS A 201 13.30 -2.91 10.40
C LYS A 201 14.35 -1.81 10.61
N ASP A 202 14.62 -0.93 9.63
CA ASP A 202 15.70 0.09 9.76
C ASP A 202 15.28 1.19 10.74
N VAL A 203 14.00 1.53 10.82
CA VAL A 203 13.54 2.60 11.75
C VAL A 203 13.65 2.10 13.18
N ALA A 204 13.27 0.85 13.43
CA ALA A 204 13.34 0.19 14.74
C ALA A 204 14.82 0.04 15.13
N ALA A 205 15.66 -0.38 14.20
CA ALA A 205 17.12 -0.53 14.41
C ALA A 205 17.73 0.82 14.86
N ASP A 206 17.46 1.92 14.18
CA ASP A 206 18.01 3.25 14.53
C ASP A 206 17.48 3.71 15.89
N TRP A 207 16.18 3.48 16.17
CA TRP A 207 15.56 3.75 17.49
C TRP A 207 16.28 2.98 18.59
N ALA A 208 16.51 1.70 18.35
CA ALA A 208 17.15 0.79 19.33
C ALA A 208 18.56 1.33 19.60
N MET A 209 19.23 1.70 18.53
CA MET A 209 20.68 2.05 18.54
C MET A 209 20.92 3.28 19.43
N GLU A 210 19.98 4.24 19.40
CA GLU A 210 19.95 5.46 20.23
C GLU A 210 19.93 5.09 21.72
N ARG A 211 19.27 3.99 22.07
CA ARG A 211 18.80 3.66 23.43
C ARG A 211 19.63 2.55 24.04
N LEU A 212 20.64 2.13 23.31
CA LEU A 212 21.56 1.07 23.76
C LEU A 212 22.82 1.73 24.31
N PRO A 213 23.39 1.17 25.40
CA PRO A 213 24.80 1.34 25.70
C PRO A 213 25.62 1.08 24.43
N ALA A 214 26.70 1.85 24.30
CA ALA A 214 27.58 1.93 23.12
C ALA A 214 28.12 0.55 22.73
N GLN A 215 28.26 -0.38 23.67
CA GLN A 215 28.83 -1.71 23.36
C GLN A 215 27.89 -2.46 22.42
N TYR A 216 26.58 -2.21 22.54
CA TYR A 216 25.56 -3.03 21.81
C TYR A 216 25.19 -2.41 20.46
N GLN A 217 25.62 -1.16 20.22
CA GLN A 217 25.25 -0.35 19.03
C GLN A 217 25.81 -0.98 17.75
N PRO A 218 27.06 -1.53 17.72
CA PRO A 218 27.62 -2.14 16.50
C PRO A 218 26.83 -3.26 15.82
N VAL A 219 26.34 -4.24 16.57
CA VAL A 219 25.58 -5.40 15.99
C VAL A 219 24.30 -4.88 15.30
N ILE A 220 23.54 -4.00 15.94
CA ILE A 220 22.28 -3.51 15.31
C ILE A 220 22.62 -2.61 14.11
N LEU A 221 23.72 -1.84 14.17
CA LEU A 221 24.15 -0.99 13.03
C LEU A 221 24.51 -1.88 11.83
N GLU A 222 25.22 -2.97 12.07
CA GLU A 222 25.54 -3.94 11.00
C GLU A 222 24.27 -4.56 10.40
N ALA A 223 23.32 -4.97 11.24
CA ALA A 223 22.03 -5.55 10.80
C ALA A 223 21.27 -4.49 9.96
N ARG A 224 21.23 -3.23 10.39
CA ARG A 224 20.46 -2.15 9.73
C ARG A 224 21.07 -1.93 8.34
N GLN A 225 22.40 -1.94 8.28
CA GLN A 225 23.15 -1.74 7.00
C GLN A 225 22.86 -2.91 6.04
N ALA A 226 22.96 -4.15 6.52
CA ALA A 226 22.69 -5.35 5.71
C ALA A 226 21.23 -5.33 5.20
N TYR A 227 20.28 -4.92 6.04
CA TYR A 227 18.85 -4.81 5.63
C TYR A 227 18.72 -3.84 4.44
N LEU A 228 19.45 -2.73 4.50
CA LEU A 228 19.33 -1.67 3.46
C LEU A 228 20.16 -2.09 2.24
N GLY A 229 20.88 -3.21 2.29
CA GLY A 229 21.73 -3.68 1.19
C GLY A 229 23.03 -2.89 1.06
N ASN A 230 23.34 -2.01 2.00
CA ASN A 230 24.54 -1.10 1.95
C ASN A 230 25.82 -1.87 2.29
N GLU A 231 25.81 -2.69 3.35
CA GLU A 231 26.97 -3.51 3.80
C GLU A 231 26.65 -4.99 3.65
N GLU A 232 27.66 -5.86 3.73
CA GLU A 232 27.52 -7.34 3.83
C GLU A 232 26.93 -7.70 5.21
N ASP A 233 26.26 -8.84 5.31
CA ASP A 233 25.79 -9.39 6.60
C ASP A 233 26.86 -10.36 7.12
N ARG A 234 27.75 -9.88 7.98
CA ARG A 234 28.85 -10.66 8.59
C ARG A 234 28.56 -10.85 10.09
N LEU A 235 27.28 -10.95 10.48
CA LEU A 235 26.82 -11.03 11.91
C LEU A 235 27.18 -12.41 12.51
N ALA A 236 27.29 -13.45 11.68
CA ALA A 236 27.62 -14.83 12.13
C ALA A 236 29.08 -14.87 12.58
N SER A 237 29.94 -14.01 11.99
CA SER A 237 31.38 -13.81 12.34
C SER A 237 31.53 -13.62 13.85
N ARG A 238 30.76 -12.66 14.40
CA ARG A 238 30.90 -12.14 15.78
C ARG A 238 29.83 -12.78 16.66
N ALA A 239 29.84 -14.13 16.76
CA ALA A 239 28.87 -14.98 17.47
C ALA A 239 28.63 -14.48 18.90
N ASP A 240 29.69 -14.24 19.67
CA ASP A 240 29.61 -13.84 21.10
C ASP A 240 28.94 -12.46 21.23
N GLN A 241 29.36 -11.51 20.39
CA GLN A 241 28.78 -10.13 20.33
C GLN A 241 27.26 -10.25 20.07
N LEU A 242 26.86 -11.19 19.23
CA LEU A 242 25.43 -11.44 18.84
C LEU A 242 24.63 -11.91 20.06
N GLU A 243 25.15 -12.90 20.81
CA GLU A 243 24.41 -13.50 21.94
C GLU A 243 24.28 -12.47 23.07
N GLU A 244 25.31 -11.67 23.32
CA GLU A 244 25.26 -10.58 24.34
C GLU A 244 24.20 -9.55 23.91
N PHE A 245 24.16 -9.20 22.64
CA PHE A 245 23.12 -8.28 22.08
C PHE A 245 21.73 -8.84 22.43
N VAL A 246 21.54 -10.12 22.17
CA VAL A 246 20.23 -10.84 22.27
C VAL A 246 19.82 -10.83 23.74
N HIS A 247 20.74 -11.18 24.63
CA HIS A 247 20.45 -11.27 26.08
C HIS A 247 20.20 -9.87 26.62
N TYR A 248 21.03 -8.90 26.24
CA TYR A 248 20.86 -7.50 26.66
C TYR A 248 19.48 -6.98 26.23
N VAL A 249 19.16 -7.07 24.95
CA VAL A 249 17.88 -6.52 24.39
C VAL A 249 16.68 -7.28 25.01
N LYS A 250 16.77 -8.59 25.23
CA LYS A 250 15.63 -9.36 25.81
C LYS A 250 15.36 -8.80 27.21
N GLY A 251 16.41 -8.63 28.01
CA GLY A 251 16.30 -8.06 29.36
C GLY A 251 15.66 -6.69 29.33
N GLU A 252 16.07 -5.84 28.38
CA GLU A 252 15.51 -4.47 28.24
C GLU A 252 14.05 -4.56 27.83
N ILE A 253 13.68 -5.53 26.99
CA ILE A 253 12.26 -5.69 26.60
C ILE A 253 11.46 -6.09 27.84
N THR A 254 11.97 -7.07 28.57
CA THR A 254 11.30 -7.64 29.77
C THR A 254 11.01 -6.52 30.79
N LYS A 255 11.89 -5.53 30.91
CA LYS A 255 11.68 -4.33 31.78
C LYS A 255 10.47 -3.48 31.40
N VAL A 256 10.06 -3.48 30.12
N VAL A 256 10.06 -3.48 30.12
CA VAL A 256 8.97 -2.58 29.63
CA VAL A 256 8.96 -2.59 29.64
C VAL A 256 7.62 -3.09 30.17
C VAL A 256 7.62 -3.10 30.19
N VAL A 257 6.90 -2.23 30.91
CA VAL A 257 5.62 -2.59 31.61
C VAL A 257 4.39 -2.13 30.78
N GLY A 258 3.29 -2.89 30.89
CA GLY A 258 2.03 -2.76 30.11
C GLY A 258 1.16 -1.62 30.59
N VAL B 1 -13.54 -3.56 -11.80
CA VAL B 1 -14.70 -3.11 -10.96
C VAL B 1 -14.70 -3.89 -9.64
N ILE B 2 -14.81 -5.23 -9.67
CA ILE B 2 -14.70 -6.10 -8.45
C ILE B 2 -13.49 -7.05 -8.55
N ALA B 3 -12.85 -7.14 -9.72
CA ALA B 3 -11.77 -8.11 -10.04
C ALA B 3 -10.47 -7.78 -9.27
N GLU B 4 -9.67 -8.81 -9.01
CA GLU B 4 -8.29 -8.69 -8.47
C GLU B 4 -7.48 -7.79 -9.41
N VAL B 5 -6.75 -6.85 -8.84
CA VAL B 5 -6.15 -5.73 -9.58
C VAL B 5 -4.73 -6.09 -10.00
N SER B 6 -4.12 -7.13 -9.42
CA SER B 6 -2.69 -7.51 -9.61
C SER B 6 -2.37 -7.73 -11.10
N THR B 7 -3.29 -8.35 -11.87
CA THR B 7 -3.05 -8.70 -13.30
C THR B 7 -2.90 -7.41 -14.10
N GLN B 8 -3.88 -6.52 -13.99
CA GLN B 8 -3.85 -5.27 -14.76
C GLN B 8 -2.68 -4.41 -14.24
N LEU B 9 -2.43 -4.40 -12.95
CA LEU B 9 -1.31 -3.61 -12.39
C LEU B 9 -0.01 -4.06 -13.08
N SER B 10 0.23 -5.36 -13.18
CA SER B 10 1.48 -5.89 -13.79
C SER B 10 1.55 -5.53 -15.28
N GLU B 11 0.42 -5.56 -15.99
CA GLU B 11 0.36 -5.22 -17.42
C GLU B 11 0.79 -3.76 -17.59
N VAL B 12 0.30 -2.86 -16.69
CA VAL B 12 0.54 -1.41 -16.82
C VAL B 12 2.02 -1.13 -16.54
N VAL B 13 2.56 -1.72 -15.46
CA VAL B 13 3.98 -1.58 -15.13
C VAL B 13 4.85 -2.13 -16.26
N GLY B 14 4.47 -3.25 -16.87
CA GLY B 14 5.18 -3.81 -18.03
C GLY B 14 5.28 -2.77 -19.16
N VAL B 15 4.22 -2.05 -19.45
CA VAL B 15 4.23 -0.98 -20.50
C VAL B 15 5.15 0.17 -20.10
N ILE B 16 5.07 0.63 -18.86
CA ILE B 16 5.95 1.67 -18.28
C ILE B 16 7.40 1.21 -18.44
N GLU B 17 7.71 -0.03 -18.09
CA GLU B 17 9.11 -0.53 -18.13
C GLU B 17 9.60 -0.58 -19.58
N ARG B 18 8.69 -0.91 -20.51
CA ARG B 18 9.07 -1.18 -21.91
C ARG B 18 9.57 0.14 -22.52
N HIS B 19 8.89 1.24 -22.19
CA HIS B 19 9.19 2.61 -22.68
C HIS B 19 10.25 3.31 -21.86
N LEU B 20 10.40 3.01 -20.55
CA LEU B 20 11.15 3.91 -19.66
C LEU B 20 12.23 3.19 -18.83
N GLU B 21 12.38 1.86 -18.88
CA GLU B 21 13.16 1.12 -17.87
C GLU B 21 14.47 1.81 -17.50
N PRO B 22 15.35 2.18 -18.44
CA PRO B 22 16.67 2.69 -18.08
C PRO B 22 16.71 4.10 -17.47
N THR B 23 15.59 4.82 -17.55
CA THR B 23 15.42 6.17 -16.98
C THR B 23 14.51 6.16 -15.74
N LEU B 24 14.09 4.99 -15.33
CA LEU B 24 13.07 4.79 -14.28
C LEU B 24 13.75 4.98 -12.93
N LEU B 25 13.25 5.88 -12.10
CA LEU B 25 13.72 5.95 -10.69
C LEU B 25 12.75 5.25 -9.74
N ALA B 26 11.45 5.34 -10.00
CA ALA B 26 10.42 4.85 -9.08
C ALA B 26 9.10 4.71 -9.82
N VAL B 27 8.35 3.67 -9.44
CA VAL B 27 6.91 3.57 -9.77
C VAL B 27 6.16 3.39 -8.45
N HIS B 28 5.18 4.25 -8.19
CA HIS B 28 4.40 4.24 -6.95
C HIS B 28 2.95 4.05 -7.28
N LEU B 29 2.38 3.00 -6.69
CA LEU B 29 0.91 2.82 -6.65
C LEU B 29 0.43 3.70 -5.50
N TYR B 30 -0.60 4.48 -5.72
CA TYR B 30 -1.14 5.35 -4.66
C TYR B 30 -2.64 5.48 -4.89
N GLY B 31 -3.26 6.49 -4.26
CA GLY B 31 -4.71 6.66 -4.38
C GLY B 31 -5.44 5.56 -3.65
N SER B 32 -6.68 5.31 -4.04
CA SER B 32 -7.59 4.48 -3.23
C SER B 32 -7.09 3.03 -3.18
N ALA B 33 -6.17 2.59 -4.04
CA ALA B 33 -5.62 1.23 -3.96
C ALA B 33 -4.91 1.08 -2.61
N VAL B 34 -4.33 2.16 -2.07
CA VAL B 34 -3.50 2.11 -0.84
C VAL B 34 -4.26 2.74 0.33
N ASP B 35 -5.13 3.72 0.06
CA ASP B 35 -5.85 4.54 1.07
C ASP B 35 -7.35 4.34 0.92
N GLY B 36 -7.95 3.42 1.68
CA GLY B 36 -9.41 3.23 1.79
C GLY B 36 -9.91 2.07 0.97
N GLY B 37 -9.14 1.68 -0.06
CA GLY B 37 -9.43 0.49 -0.85
C GLY B 37 -10.22 0.82 -2.09
N LEU B 38 -10.00 0.04 -3.13
CA LEU B 38 -10.59 0.27 -4.46
C LEU B 38 -12.07 0.01 -4.37
N LYS B 39 -12.85 0.87 -5.01
CA LYS B 39 -14.32 0.78 -5.09
C LYS B 39 -14.63 0.48 -6.54
N PRO B 40 -15.86 0.09 -6.89
CA PRO B 40 -16.15 -0.35 -8.24
C PRO B 40 -15.76 0.60 -9.38
N HIS B 41 -15.75 1.92 -9.16
CA HIS B 41 -15.40 2.91 -10.21
C HIS B 41 -13.95 3.39 -10.10
N SER B 42 -13.22 2.96 -9.06
CA SER B 42 -11.87 3.43 -8.73
C SER B 42 -10.92 3.17 -9.91
N ASP B 43 -10.06 4.13 -10.18
CA ASP B 43 -8.97 4.01 -11.17
C ASP B 43 -7.78 3.32 -10.46
N ILE B 44 -6.76 2.97 -11.23
CA ILE B 44 -5.44 2.58 -10.68
C ILE B 44 -4.57 3.82 -10.80
N ASP B 45 -4.12 4.39 -9.69
CA ASP B 45 -3.30 5.62 -9.70
C ASP B 45 -1.81 5.27 -9.61
N LEU B 46 -1.06 5.60 -10.64
CA LEU B 46 0.40 5.40 -10.63
C LEU B 46 1.13 6.72 -10.84
N LEU B 47 2.26 6.80 -10.18
CA LEU B 47 3.16 7.94 -10.21
C LEU B 47 4.55 7.41 -10.58
N VAL B 48 5.03 7.87 -11.71
CA VAL B 48 6.35 7.44 -12.25
C VAL B 48 7.36 8.58 -12.16
N THR B 49 8.54 8.30 -11.64
CA THR B 49 9.64 9.24 -11.61
C THR B 49 10.75 8.77 -12.55
N VAL B 50 11.16 9.62 -13.47
CA VAL B 50 12.22 9.32 -14.46
C VAL B 50 13.36 10.34 -14.31
N THR B 51 14.50 9.99 -14.85
CA THR B 51 15.74 10.81 -14.73
C THR B 51 15.75 11.93 -15.76
N VAL B 52 14.93 11.87 -16.83
CA VAL B 52 15.06 12.82 -17.98
C VAL B 52 13.76 12.82 -18.74
N ARG B 53 13.47 13.94 -19.37
CA ARG B 53 12.19 14.17 -20.07
C ARG B 53 12.11 13.25 -21.32
N LEU B 54 10.92 13.16 -21.89
CA LEU B 54 10.57 12.24 -22.99
C LEU B 54 10.62 12.98 -24.33
N ASP B 55 11.07 12.32 -25.38
CA ASP B 55 10.86 12.79 -26.77
C ASP B 55 9.37 12.53 -27.07
N GLU B 56 8.83 13.21 -28.06
CA GLU B 56 7.43 13.06 -28.51
C GLU B 56 7.17 11.62 -28.90
N THR B 57 8.18 10.92 -29.43
CA THR B 57 8.05 9.50 -29.82
C THR B 57 7.71 8.63 -28.61
N THR B 58 8.49 8.67 -27.53
CA THR B 58 8.20 7.93 -26.30
C THR B 58 6.84 8.33 -25.75
N ARG B 59 6.48 9.62 -25.75
CA ARG B 59 5.25 10.13 -25.12
C ARG B 59 4.10 9.40 -25.82
N ARG B 60 4.11 9.32 -27.13
CA ARG B 60 3.00 8.77 -27.95
C ARG B 60 2.98 7.24 -27.87
N ALA B 61 4.12 6.58 -28.02
CA ALA B 61 4.23 5.11 -27.93
C ALA B 61 3.75 4.65 -26.58
N LEU B 62 4.14 5.36 -25.52
CA LEU B 62 3.74 5.01 -24.16
C LEU B 62 2.22 5.26 -24.03
N ILE B 63 1.76 6.47 -24.34
CA ILE B 63 0.32 6.80 -24.20
C ILE B 63 -0.52 5.82 -25.00
N ASN B 64 -0.16 5.49 -26.23
CA ASN B 64 -0.90 4.50 -27.05
C ASN B 64 -0.92 3.13 -26.35
N ASP B 65 0.22 2.66 -25.87
CA ASP B 65 0.29 1.35 -25.16
C ASP B 65 -0.56 1.37 -23.87
N LEU B 66 -0.54 2.47 -23.10
CA LEU B 66 -1.29 2.56 -21.83
C LEU B 66 -2.78 2.44 -22.12
N LEU B 67 -3.23 3.09 -23.18
CA LEU B 67 -4.65 3.05 -23.56
C LEU B 67 -5.08 1.61 -23.80
N GLU B 68 -4.21 0.76 -24.33
CA GLU B 68 -4.53 -0.68 -24.56
C GLU B 68 -4.64 -1.42 -23.21
N THR B 69 -4.03 -0.96 -22.12
CA THR B 69 -4.09 -1.68 -20.80
C THR B 69 -5.30 -1.22 -19.99
N SER B 70 -6.08 -0.25 -20.47
CA SER B 70 -7.05 0.56 -19.69
C SER B 70 -8.45 0.38 -20.29
N ALA B 71 -9.50 0.58 -19.51
CA ALA B 71 -10.89 0.57 -20.02
C ALA B 71 -11.64 1.80 -19.48
N SER B 72 -12.48 2.38 -20.33
CA SER B 72 -13.42 3.45 -19.94
C SER B 72 -14.24 2.94 -18.76
N PRO B 73 -14.46 3.74 -17.70
CA PRO B 73 -15.30 3.32 -16.58
C PRO B 73 -16.63 2.73 -17.05
N GLY B 74 -16.99 1.53 -16.55
CA GLY B 74 -18.25 0.82 -16.81
C GLY B 74 -18.31 0.18 -18.21
N GLU B 75 -17.18 -0.04 -18.87
CA GLU B 75 -17.10 -0.70 -20.19
C GLU B 75 -16.42 -2.06 -20.03
N SER B 76 -16.07 -2.45 -18.81
CA SER B 76 -15.28 -3.68 -18.52
C SER B 76 -15.55 -4.11 -17.08
N GLU B 77 -15.71 -5.42 -16.88
CA GLU B 77 -15.87 -6.05 -15.55
C GLU B 77 -14.50 -6.23 -14.90
N ILE B 78 -13.45 -6.32 -15.74
CA ILE B 78 -12.09 -6.77 -15.34
C ILE B 78 -11.06 -5.63 -15.38
N LEU B 79 -11.11 -4.70 -16.35
CA LEU B 79 -10.09 -3.63 -16.47
C LEU B 79 -10.64 -2.35 -15.83
N ARG B 80 -9.87 -1.73 -14.95
CA ARG B 80 -10.11 -0.38 -14.40
C ARG B 80 -9.53 0.68 -15.32
N ALA B 81 -10.00 1.91 -15.17
CA ALA B 81 -9.39 3.13 -15.73
C ALA B 81 -8.00 3.22 -15.13
N VAL B 82 -6.96 3.32 -15.97
CA VAL B 82 -5.54 3.43 -15.57
C VAL B 82 -5.18 4.91 -15.57
N GLU B 83 -4.36 5.31 -14.60
CA GLU B 83 -3.82 6.66 -14.50
C GLU B 83 -2.33 6.57 -14.28
N VAL B 84 -1.57 7.25 -15.13
CA VAL B 84 -0.10 7.36 -14.97
C VAL B 84 0.26 8.81 -15.04
N THR B 85 0.93 9.29 -14.01
CA THR B 85 1.54 10.62 -13.96
C THR B 85 3.04 10.40 -13.95
N ILE B 86 3.75 11.04 -14.87
CA ILE B 86 5.25 10.96 -14.88
C ILE B 86 5.79 12.31 -14.43
N VAL B 87 6.82 12.32 -13.59
CA VAL B 87 7.54 13.54 -13.17
C VAL B 87 9.01 13.21 -13.40
N VAL B 88 9.73 14.23 -13.84
CA VAL B 88 11.18 14.20 -14.08
C VAL B 88 11.83 14.58 -12.74
N HIS B 89 12.81 13.79 -12.31
CA HIS B 89 13.52 14.00 -11.03
C HIS B 89 13.78 15.49 -10.79
N ASP B 90 14.50 16.19 -11.68
CA ASP B 90 14.97 17.59 -11.40
C ASP B 90 13.82 18.59 -11.51
N ASP B 91 12.67 18.23 -12.07
CA ASP B 91 11.49 19.13 -12.11
C ASP B 91 10.71 19.09 -10.79
N ILE B 92 10.90 18.06 -9.96
CA ILE B 92 10.00 17.78 -8.81
C ILE B 92 10.83 17.72 -7.51
N ILE B 93 12.14 17.55 -7.61
CA ILE B 93 13.09 17.44 -6.47
C ILE B 93 14.24 18.39 -6.78
N PRO B 94 14.42 19.53 -6.05
CA PRO B 94 13.61 19.89 -4.88
C PRO B 94 12.15 20.26 -5.19
N TRP B 95 11.26 20.08 -4.23
CA TRP B 95 9.84 20.46 -4.42
C TRP B 95 9.78 21.98 -4.57
N ARG B 96 9.05 22.46 -5.57
CA ARG B 96 8.73 23.88 -5.83
C ARG B 96 7.30 23.94 -6.32
N TYR B 97 6.45 24.81 -5.79
CA TYR B 97 5.06 24.99 -6.25
C TYR B 97 4.98 26.22 -7.13
N PRO B 98 4.31 26.19 -8.31
CA PRO B 98 3.68 25.00 -8.83
C PRO B 98 4.67 24.13 -9.62
N ALA B 99 4.43 22.81 -9.70
CA ALA B 99 5.42 21.91 -10.34
C ALA B 99 4.95 21.50 -11.73
N LYS B 100 5.94 21.24 -12.60
CA LYS B 100 5.74 20.70 -13.96
C LYS B 100 5.56 19.19 -13.86
N ARG B 101 4.56 18.70 -14.56
CA ARG B 101 4.29 17.27 -14.78
C ARG B 101 4.74 16.94 -16.20
N GLU B 102 5.63 15.97 -16.37
CA GLU B 102 6.15 15.54 -17.69
C GLU B 102 5.08 14.90 -18.58
N LEU B 103 4.26 14.00 -18.04
CA LEU B 103 3.22 13.32 -18.82
C LEU B 103 2.09 12.94 -17.88
N GLN B 104 0.88 12.87 -18.44
CA GLN B 104 -0.26 12.28 -17.70
C GLN B 104 -1.09 11.53 -18.70
N PHE B 105 -1.44 10.33 -18.33
CA PHE B 105 -2.37 9.46 -19.07
C PHE B 105 -3.58 9.17 -18.19
N GLY B 106 -4.75 9.24 -18.78
CA GLY B 106 -5.97 8.79 -18.10
C GLY B 106 -7.08 8.66 -19.12
N GLU B 107 -8.12 7.94 -18.76
CA GLU B 107 -9.29 7.62 -19.61
C GLU B 107 -10.04 8.88 -20.03
N TRP B 108 -9.95 9.99 -19.29
CA TRP B 108 -10.58 11.26 -19.72
C TRP B 108 -9.98 11.71 -21.07
N GLN B 109 -8.83 11.17 -21.45
CA GLN B 109 -8.09 11.55 -22.67
C GLN B 109 -8.42 10.60 -23.83
N ARG B 110 -9.16 9.51 -23.61
CA ARG B 110 -9.34 8.41 -24.60
C ARG B 110 -9.68 8.99 -25.99
N ASN B 111 -10.66 9.88 -26.06
CA ASN B 111 -11.13 10.49 -27.35
C ASN B 111 -9.98 11.26 -27.99
N ASP B 112 -9.34 12.15 -27.23
CA ASP B 112 -8.14 12.88 -27.68
C ASP B 112 -7.14 11.88 -28.23
N ILE B 113 -6.79 10.84 -27.47
CA ILE B 113 -5.68 9.93 -27.89
C ILE B 113 -6.06 9.26 -29.22
N LEU B 114 -7.33 8.88 -29.38
CA LEU B 114 -7.83 8.14 -30.56
C LEU B 114 -7.78 9.07 -31.80
N ALA B 115 -7.83 10.39 -31.58
CA ALA B 115 -7.74 11.46 -32.60
C ALA B 115 -6.29 11.98 -32.72
N GLY B 116 -5.31 11.34 -32.06
CA GLY B 116 -3.89 11.73 -32.15
C GLY B 116 -3.55 13.04 -31.46
N ILE B 117 -4.30 13.44 -30.40
CA ILE B 117 -3.96 14.55 -29.47
C ILE B 117 -3.35 13.98 -28.19
N PHE B 118 -2.07 14.27 -27.93
CA PHE B 118 -1.26 13.77 -26.80
C PHE B 118 -0.88 14.97 -25.95
N GLU B 119 -1.34 14.96 -24.71
CA GLU B 119 -1.01 15.99 -23.69
C GLU B 119 0.49 16.14 -23.53
N PRO B 120 1.03 17.37 -23.67
CA PRO B 120 2.45 17.64 -23.44
C PRO B 120 2.74 17.80 -21.95
N ALA B 121 4.02 17.91 -21.60
CA ALA B 121 4.47 18.35 -20.26
C ALA B 121 3.80 19.67 -19.88
N THR B 122 3.35 19.83 -18.64
CA THR B 122 2.58 21.05 -18.27
C THR B 122 2.70 21.28 -16.77
N ILE B 123 2.64 22.55 -16.42
CA ILE B 123 2.56 22.97 -15.00
C ILE B 123 1.22 22.46 -14.51
N ASP B 124 1.21 21.81 -13.37
CA ASP B 124 -0.04 21.22 -12.84
C ASP B 124 -0.05 21.45 -11.34
N ILE B 125 -1.03 22.25 -10.91
CA ILE B 125 -1.20 22.63 -9.47
C ILE B 125 -1.51 21.35 -8.68
N ASP B 126 -2.18 20.40 -9.35
CA ASP B 126 -2.70 19.15 -8.76
C ASP B 126 -1.54 18.32 -8.21
N LEU B 127 -0.31 18.52 -8.68
CA LEU B 127 0.82 17.71 -8.17
C LEU B 127 1.01 17.88 -6.66
N ALA B 128 0.70 19.06 -6.11
CA ALA B 128 0.85 19.37 -4.67
C ALA B 128 -0.01 18.38 -3.92
N ILE B 129 -1.19 18.08 -4.46
CA ILE B 129 -2.19 17.17 -3.84
C ILE B 129 -1.76 15.72 -4.09
N LEU B 130 -1.40 15.37 -5.34
CA LEU B 130 -1.04 13.97 -5.68
C LEU B 130 0.17 13.54 -4.84
N LEU B 131 1.15 14.41 -4.67
N LEU B 131 1.18 14.38 -4.67
CA LEU B 131 2.41 14.04 -3.99
CA LEU B 131 2.42 13.97 -3.95
C LEU B 131 2.19 14.01 -2.48
C LEU B 131 2.19 14.00 -2.44
N THR B 132 1.24 14.79 -1.96
CA THR B 132 0.87 14.76 -0.52
C THR B 132 0.29 13.38 -0.25
N LYS B 133 -0.66 12.95 -1.09
CA LYS B 133 -1.28 11.61 -0.98
C LYS B 133 -0.19 10.54 -1.11
N ALA B 134 0.63 10.60 -2.17
CA ALA B 134 1.62 9.54 -2.48
C ALA B 134 2.57 9.37 -1.29
N ARG B 135 3.05 10.47 -0.70
CA ARG B 135 4.03 10.39 0.44
C ARG B 135 3.41 9.68 1.67
N GLU B 136 2.12 9.88 1.90
CA GLU B 136 1.38 9.33 3.08
C GLU B 136 1.03 7.85 2.82
N HIS B 137 0.48 7.54 1.65
CA HIS B 137 0.05 6.17 1.29
C HIS B 137 0.49 5.82 -0.13
N SER B 138 1.49 4.95 -0.25
CA SER B 138 1.87 4.37 -1.57
C SER B 138 2.64 3.06 -1.42
N VAL B 139 2.73 2.34 -2.52
CA VAL B 139 3.60 1.13 -2.70
C VAL B 139 4.65 1.48 -3.74
N ALA B 140 5.92 1.37 -3.39
CA ALA B 140 7.03 1.49 -4.34
C ALA B 140 7.14 0.17 -5.09
N LEU B 141 6.54 0.07 -6.27
CA LEU B 141 6.52 -1.18 -7.08
C LEU B 141 7.94 -1.37 -7.60
N VAL B 142 8.63 -0.24 -7.73
CA VAL B 142 10.08 -0.17 -7.99
C VAL B 142 10.64 1.12 -7.39
N GLY B 143 11.90 1.04 -6.92
CA GLY B 143 12.63 2.14 -6.31
C GLY B 143 12.18 2.44 -4.89
N PRO B 144 12.57 3.66 -4.42
CA PRO B 144 12.40 4.05 -3.03
C PRO B 144 10.97 4.46 -2.69
N ALA B 145 10.68 4.43 -1.40
CA ALA B 145 9.36 4.84 -0.88
C ALA B 145 9.12 6.33 -1.24
N ALA B 146 7.90 6.69 -1.61
CA ALA B 146 7.53 8.06 -1.98
C ALA B 146 8.01 9.03 -0.91
N GLU B 147 7.83 8.66 0.36
CA GLU B 147 8.05 9.52 1.57
C GLU B 147 9.51 9.95 1.57
N GLU B 148 10.43 9.03 1.24
CA GLU B 148 11.88 9.35 1.13
C GLU B 148 12.19 10.12 -0.16
N LEU B 149 11.63 9.71 -1.30
CA LEU B 149 12.07 10.26 -2.61
C LEU B 149 11.68 11.75 -2.71
N PHE B 150 10.39 12.02 -2.47
CA PHE B 150 9.76 13.34 -2.62
C PHE B 150 9.90 14.12 -1.30
N ASP B 151 10.27 15.37 -1.46
CA ASP B 151 10.26 16.37 -0.37
C ASP B 151 8.86 16.44 0.18
N PRO B 152 8.70 16.67 1.49
CA PRO B 152 7.42 17.12 2.02
C PRO B 152 6.82 18.28 1.22
N VAL B 153 5.52 18.24 0.98
CA VAL B 153 4.75 19.35 0.35
C VAL B 153 4.26 20.25 1.47
N PRO B 154 4.73 21.50 1.57
CA PRO B 154 4.16 22.47 2.51
C PRO B 154 2.64 22.53 2.40
N GLU B 155 1.97 22.67 3.55
CA GLU B 155 0.51 22.85 3.67
C GLU B 155 0.08 24.09 2.88
N GLN B 156 0.89 25.15 2.85
CA GLN B 156 0.56 26.40 2.08
C GLN B 156 0.38 26.05 0.60
N ASP B 157 1.25 25.17 0.07
CA ASP B 157 1.22 24.71 -1.35
C ASP B 157 -0.05 23.88 -1.55
N LEU B 158 -0.32 22.96 -0.64
CA LEU B 158 -1.57 22.19 -0.66
C LEU B 158 -2.77 23.15 -0.68
N PHE B 159 -2.80 24.13 0.23
CA PHE B 159 -3.92 25.08 0.41
C PHE B 159 -4.16 25.87 -0.89
N GLU B 160 -3.11 26.38 -1.52
CA GLU B 160 -3.18 27.08 -2.85
C GLU B 160 -3.78 26.13 -3.91
N ALA B 161 -3.29 24.88 -3.98
CA ALA B 161 -3.76 23.93 -5.00
C ALA B 161 -5.24 23.62 -4.75
N LEU B 162 -5.63 23.47 -3.49
CA LEU B 162 -7.06 23.27 -3.14
C LEU B 162 -7.87 24.47 -3.65
N ASN B 163 -7.45 25.70 -3.35
CA ASN B 163 -8.20 26.92 -3.75
C ASN B 163 -8.27 27.02 -5.28
N GLU B 164 -7.14 26.78 -5.92
CA GLU B 164 -7.10 26.87 -7.40
C GLU B 164 -7.99 25.78 -7.99
N THR B 165 -8.13 24.60 -7.36
CA THR B 165 -8.95 23.52 -7.94
C THR B 165 -10.41 23.97 -8.04
N LEU B 166 -10.90 24.77 -7.09
CA LEU B 166 -12.30 25.28 -7.11
C LEU B 166 -12.58 26.09 -8.38
N THR B 167 -11.57 26.68 -9.01
CA THR B 167 -11.75 27.55 -10.20
C THR B 167 -12.14 26.71 -11.41
N LEU B 168 -12.07 25.38 -11.30
CA LEU B 168 -12.50 24.47 -12.40
C LEU B 168 -14.02 24.50 -12.53
N TRP B 169 -14.77 24.90 -11.49
CA TRP B 169 -16.25 24.68 -11.39
C TRP B 169 -17.00 25.99 -11.11
N ASN B 170 -17.58 26.58 -12.15
CA ASN B 170 -18.33 27.86 -12.07
C ASN B 170 -19.75 27.66 -12.61
N SER B 171 -19.91 26.88 -13.68
CA SER B 171 -21.20 26.66 -14.40
C SER B 171 -21.36 25.21 -14.81
N PRO B 172 -22.60 24.74 -15.08
CA PRO B 172 -22.88 23.32 -15.34
C PRO B 172 -22.09 22.56 -16.40
N PRO B 173 -21.60 23.16 -17.51
CA PRO B 173 -20.79 22.40 -18.47
C PRO B 173 -19.42 22.01 -17.87
N ASP B 174 -18.96 22.74 -16.85
CA ASP B 174 -17.65 22.51 -16.17
C ASP B 174 -17.64 21.17 -15.43
N TRP B 175 -18.81 20.63 -15.12
CA TRP B 175 -18.93 19.34 -14.40
C TRP B 175 -19.88 18.41 -15.14
N ALA B 176 -20.22 18.71 -16.39
CA ALA B 176 -21.22 17.96 -17.20
C ALA B 176 -20.96 16.44 -17.11
N GLY B 177 -19.79 15.98 -17.54
CA GLY B 177 -19.54 14.52 -17.62
C GLY B 177 -19.17 13.87 -16.29
N ASP B 178 -19.00 14.63 -15.21
CA ASP B 178 -18.19 14.14 -14.05
C ASP B 178 -18.86 14.52 -12.72
N ASP B 179 -20.19 14.38 -12.70
CA ASP B 179 -21.10 14.87 -11.64
C ASP B 179 -20.66 14.27 -10.29
N ARG B 180 -20.55 12.95 -10.21
CA ARG B 180 -20.23 12.23 -8.95
C ARG B 180 -18.87 12.68 -8.42
N ASN B 181 -17.82 12.69 -9.26
CA ASN B 181 -16.46 13.00 -8.74
C ASN B 181 -16.34 14.47 -8.36
N VAL B 182 -17.07 15.39 -9.02
CA VAL B 182 -16.93 16.83 -8.66
C VAL B 182 -17.53 17.01 -7.27
N VAL B 183 -18.71 16.42 -7.05
CA VAL B 183 -19.40 16.46 -5.74
C VAL B 183 -18.46 15.84 -4.70
N LEU B 184 -17.91 14.64 -4.95
CA LEU B 184 -17.08 13.98 -3.92
C LEU B 184 -15.78 14.74 -3.75
N THR B 185 -15.27 15.35 -4.82
CA THR B 185 -14.03 16.16 -4.72
C THR B 185 -14.31 17.45 -3.93
N LEU B 186 -15.43 18.13 -4.15
CA LEU B 186 -15.79 19.34 -3.34
C LEU B 186 -15.83 19.01 -1.83
N SER B 187 -16.42 17.86 -1.43
CA SER B 187 -16.48 17.36 -0.02
C SER B 187 -15.06 17.15 0.47
N ARG B 188 -14.21 16.47 -0.33
CA ARG B 188 -12.79 16.24 0.07
C ARG B 188 -12.05 17.54 0.22
N ILE B 189 -12.30 18.53 -0.66
CA ILE B 189 -11.56 19.83 -0.58
C ILE B 189 -11.98 20.54 0.72
N TRP B 190 -13.29 20.56 0.97
CA TRP B 190 -13.87 21.16 2.20
C TRP B 190 -13.29 20.48 3.44
N TYR B 191 -13.37 19.15 3.49
CA TYR B 191 -12.74 18.33 4.55
C TYR B 191 -11.28 18.74 4.76
N SER B 192 -10.48 18.85 3.69
CA SER B 192 -9.02 19.10 3.77
C SER B 192 -8.80 20.55 4.25
N ALA B 193 -9.65 21.48 3.81
CA ALA B 193 -9.59 22.90 4.21
C ALA B 193 -9.73 23.01 5.73
N VAL B 194 -10.71 22.29 6.31
CA VAL B 194 -11.01 22.33 7.76
C VAL B 194 -9.97 21.50 8.51
N THR B 195 -9.65 20.28 8.06
CA THR B 195 -8.87 19.30 8.87
C THR B 195 -7.37 19.36 8.55
N GLY B 196 -6.99 19.86 7.38
CA GLY B 196 -5.61 19.79 6.85
C GLY B 196 -5.28 18.38 6.37
N LYS B 197 -6.23 17.45 6.47
CA LYS B 197 -5.97 16.02 6.16
C LYS B 197 -6.62 15.65 4.84
N ILE B 198 -6.23 14.49 4.33
CA ILE B 198 -6.83 13.87 3.12
C ILE B 198 -7.55 12.62 3.55
N ALA B 199 -8.74 12.45 3.02
CA ALA B 199 -9.65 11.34 3.31
C ALA B 199 -10.10 10.76 1.99
N PRO B 200 -10.45 9.46 1.96
CA PRO B 200 -11.18 8.92 0.82
C PRO B 200 -12.52 9.61 0.57
N LYS B 201 -12.99 9.46 -0.65
CA LYS B 201 -14.19 10.17 -1.14
C LYS B 201 -15.39 9.88 -0.20
N ASP B 202 -15.54 8.65 0.31
CA ASP B 202 -16.74 8.27 1.13
C ASP B 202 -16.60 8.85 2.54
N VAL B 203 -15.38 8.90 3.06
CA VAL B 203 -15.12 9.47 4.41
C VAL B 203 -15.42 10.98 4.38
N ALA B 204 -14.98 11.67 3.33
CA ALA B 204 -15.17 13.12 3.13
C ALA B 204 -16.67 13.40 2.94
N ALA B 205 -17.38 12.56 2.18
CA ALA B 205 -18.81 12.73 1.89
C ALA B 205 -19.57 12.67 3.23
N ASP B 206 -19.21 11.74 4.12
CA ASP B 206 -19.91 11.52 5.42
C ASP B 206 -19.63 12.73 6.32
N TRP B 207 -18.40 13.21 6.29
CA TRP B 207 -17.99 14.40 7.06
C TRP B 207 -18.78 15.62 6.56
N ALA B 208 -18.89 15.77 5.25
CA ALA B 208 -19.64 16.89 4.61
C ALA B 208 -21.11 16.79 5.05
N MET B 209 -21.65 15.57 5.08
CA MET B 209 -23.08 15.27 5.34
C MET B 209 -23.49 15.73 6.74
N GLU B 210 -22.60 15.61 7.70
CA GLU B 210 -22.74 16.07 9.10
C GLU B 210 -22.94 17.59 9.12
N ARG B 211 -22.36 18.33 8.17
CA ARG B 211 -22.24 19.81 8.21
C ARG B 211 -23.23 20.49 7.27
N LEU B 212 -23.93 19.75 6.40
CA LEU B 212 -24.73 20.38 5.31
C LEU B 212 -26.18 20.63 5.72
N PRO B 213 -26.72 21.84 5.42
CA PRO B 213 -28.15 22.06 5.44
C PRO B 213 -28.86 20.97 4.62
N ALA B 214 -30.07 20.61 5.04
CA ALA B 214 -30.90 19.48 4.54
C ALA B 214 -31.16 19.60 3.03
N GLN B 215 -31.22 20.80 2.46
CA GLN B 215 -31.43 20.96 0.99
C GLN B 215 -30.33 20.19 0.23
N TYR B 216 -29.10 20.23 0.76
CA TYR B 216 -27.88 19.76 0.03
C TYR B 216 -27.58 18.29 0.35
N GLN B 217 -28.32 17.66 1.28
CA GLN B 217 -28.07 16.26 1.76
C GLN B 217 -28.26 15.23 0.64
N PRO B 218 -29.32 15.32 -0.20
CA PRO B 218 -29.57 14.29 -1.22
C PRO B 218 -28.47 14.07 -2.28
N VAL B 219 -27.91 15.15 -2.82
CA VAL B 219 -26.85 15.11 -3.88
C VAL B 219 -25.63 14.35 -3.33
N ILE B 220 -25.13 14.73 -2.16
CA ILE B 220 -23.87 14.14 -1.61
C ILE B 220 -24.16 12.68 -1.24
N LEU B 221 -25.38 12.38 -0.78
CA LEU B 221 -25.78 11.02 -0.37
C LEU B 221 -25.73 10.12 -1.59
N GLU B 222 -26.32 10.59 -2.69
CA GLU B 222 -26.36 9.81 -3.95
C GLU B 222 -24.93 9.59 -4.46
N ALA B 223 -24.07 10.61 -4.39
CA ALA B 223 -22.66 10.52 -4.82
C ALA B 223 -21.90 9.52 -3.93
N ARG B 224 -22.12 9.54 -2.61
CA ARG B 224 -21.42 8.67 -1.61
C ARG B 224 -21.73 7.20 -1.94
N GLN B 225 -23.02 6.99 -2.23
CA GLN B 225 -23.60 5.66 -2.49
C GLN B 225 -23.09 5.16 -3.85
N ALA B 226 -23.09 6.00 -4.88
CA ALA B 226 -22.58 5.68 -6.22
C ALA B 226 -21.08 5.34 -6.13
N TYR B 227 -20.31 6.04 -5.28
CA TYR B 227 -18.86 5.77 -5.09
C TYR B 227 -18.69 4.34 -4.57
N LEU B 228 -19.54 3.96 -3.61
CA LEU B 228 -19.41 2.65 -2.94
C LEU B 228 -20.07 1.57 -3.78
N GLY B 229 -20.63 1.92 -4.94
CA GLY B 229 -21.20 0.98 -5.92
C GLY B 229 -22.55 0.43 -5.46
N ASN B 230 -23.14 1.00 -4.40
CA ASN B 230 -24.42 0.53 -3.79
C ASN B 230 -25.61 0.99 -4.63
N GLU B 231 -25.63 2.27 -5.02
CA GLU B 231 -26.73 2.88 -5.83
C GLU B 231 -26.18 3.25 -7.21
N GLU B 232 -27.06 3.53 -8.18
CA GLU B 232 -26.69 4.09 -9.51
C GLU B 232 -26.31 5.56 -9.31
N ASP B 233 -25.51 6.10 -10.24
CA ASP B 233 -25.22 7.55 -10.34
C ASP B 233 -26.25 8.16 -11.31
N ARG B 234 -27.34 8.72 -10.78
CA ARG B 234 -28.40 9.42 -11.56
C ARG B 234 -28.36 10.92 -11.23
N LEU B 235 -27.17 11.47 -10.98
CA LEU B 235 -26.96 12.88 -10.54
C LEU B 235 -27.21 13.86 -11.70
N ALA B 236 -27.14 13.41 -12.95
CA ALA B 236 -27.42 14.24 -14.16
C ALA B 236 -28.91 14.57 -14.22
N SER B 237 -29.77 13.70 -13.67
CA SER B 237 -31.23 13.89 -13.49
C SER B 237 -31.52 15.23 -12.82
N ARG B 238 -30.86 15.50 -11.69
CA ARG B 238 -31.13 16.62 -10.76
C ARG B 238 -30.15 17.79 -11.01
N ALA B 239 -30.11 18.28 -12.26
CA ALA B 239 -29.13 19.27 -12.77
C ALA B 239 -29.03 20.50 -11.86
N ASP B 240 -30.17 21.12 -11.53
CA ASP B 240 -30.17 22.41 -10.80
C ASP B 240 -29.81 22.15 -9.33
N GLN B 241 -30.27 21.04 -8.74
CA GLN B 241 -29.89 20.61 -7.37
C GLN B 241 -28.36 20.55 -7.27
N LEU B 242 -27.71 20.07 -8.34
CA LEU B 242 -26.23 19.90 -8.43
C LEU B 242 -25.53 21.26 -8.38
N GLU B 243 -26.00 22.23 -9.15
CA GLU B 243 -25.42 23.59 -9.28
C GLU B 243 -25.51 24.33 -7.93
N GLU B 244 -26.65 24.20 -7.25
CA GLU B 244 -26.87 24.83 -5.92
C GLU B 244 -25.90 24.21 -4.92
N PHE B 245 -25.75 22.88 -4.96
CA PHE B 245 -24.78 22.15 -4.11
C PHE B 245 -23.39 22.76 -4.28
N VAL B 246 -22.99 22.93 -5.54
CA VAL B 246 -21.62 23.33 -5.96
C VAL B 246 -21.38 24.76 -5.47
N HIS B 247 -22.36 25.64 -5.68
CA HIS B 247 -22.27 27.07 -5.27
C HIS B 247 -22.19 27.13 -3.73
N TYR B 248 -23.07 26.40 -3.06
CA TYR B 248 -23.13 26.38 -1.57
C TYR B 248 -21.78 25.89 -1.02
N VAL B 249 -21.31 24.72 -1.46
CA VAL B 249 -20.07 24.10 -0.91
C VAL B 249 -18.87 25.00 -1.25
N LYS B 250 -18.81 25.59 -2.46
CA LYS B 250 -17.66 26.46 -2.83
C LYS B 250 -17.61 27.60 -1.81
N GLY B 251 -18.74 28.25 -1.58
CA GLY B 251 -18.85 29.39 -0.66
C GLY B 251 -18.37 29.01 0.74
N GLU B 252 -18.79 27.83 1.22
CA GLU B 252 -18.40 27.29 2.53
C GLU B 252 -16.89 27.04 2.56
N ILE B 253 -16.32 26.55 1.45
CA ILE B 253 -14.85 26.29 1.41
C ILE B 253 -14.13 27.64 1.52
N THR B 254 -14.58 28.62 0.74
CA THR B 254 -13.95 29.96 0.62
C THR B 254 -13.89 30.62 2.00
N LYS B 255 -14.93 30.42 2.84
CA LYS B 255 -14.98 30.98 4.22
C LYS B 255 -13.90 30.37 5.13
N VAL B 256 -13.48 29.13 4.89
CA VAL B 256 -12.53 28.40 5.79
C VAL B 256 -11.13 28.92 5.51
N VAL B 257 -10.84 29.31 4.26
CA VAL B 257 -9.46 29.58 3.75
C VAL B 257 -9.15 31.08 3.86
PG ANP C . 11.08 -7.14 5.37
O1G ANP C . 10.42 -8.32 4.70
O2G ANP C . 12.42 -7.65 5.89
O3G ANP C . 11.40 -6.09 4.39
PB ANP C . 8.71 -6.70 6.98
O1B ANP C . 8.21 -5.54 7.78
O2B ANP C . 7.89 -6.96 5.72
N3B ANP C . 10.22 -6.42 6.53
PA ANP C . 8.76 -9.68 7.55
O1A ANP C . 10.13 -10.28 7.73
O2A ANP C . 8.12 -9.91 6.21
O3A ANP C . 8.77 -8.04 7.88
O5' ANP C . 7.83 -10.13 8.74
C5' ANP C . 8.38 -9.78 10.02
C4' ANP C . 8.01 -10.81 11.05
O4' ANP C . 8.37 -10.31 12.37
C3' ANP C . 6.51 -11.18 11.14
O3' ANP C . 6.39 -12.56 11.43
C2' ANP C . 6.09 -10.24 12.29
O2' ANP C . 4.83 -10.43 12.91
C1' ANP C . 7.26 -10.45 13.23
N9 ANP C . 7.33 -9.46 14.30
C8 ANP C . 7.45 -9.70 15.64
N7 ANP C . 7.43 -8.59 16.35
C5 ANP C . 7.35 -7.56 15.41
C6 ANP C . 7.26 -6.16 15.54
N6 ANP C . 7.30 -5.53 16.72
N1 ANP C . 7.14 -5.44 14.40
C2 ANP C . 7.12 -6.09 13.23
N3 ANP C . 7.14 -7.40 12.99
C4 ANP C . 7.27 -8.09 14.13
O1 SMI D . 11.88 -14.93 5.68
C2 SMI D . 12.98 -15.56 5.06
C2M SMI D . 12.51 -16.22 3.76
C3 SMI D . 13.47 -16.60 5.99
C4 SMI D . 13.93 -16.01 7.31
C5 SMI D . 12.82 -15.14 7.87
O5 SMI D . 13.38 -14.34 8.89
C6 SMI D . 12.28 -14.14 6.81
O1B SMI D . 11.78 -16.03 8.32
O2B SMI D . 11.14 -13.42 7.35
C7 SMI D . 10.64 -15.30 8.77
C8 SMI D . 9.52 -16.29 9.12
N8 SMI D . 10.08 -17.28 10.02
C8M SMI D . 9.23 -18.32 10.64
C9 SMI D . 8.29 -15.60 9.59
O9 SMI D . 8.53 -14.97 10.84
C10 SMI D . 7.90 -14.52 8.59
N10 SMI D . 6.75 -13.70 9.06
C1M SMI D . 5.48 -14.35 9.16
C11 SMI D . 8.97 -13.58 8.26
O11 SMI D . 8.50 -12.62 7.27
C12 SMI D . 10.16 -14.35 7.70
O4A SMI D . 14.29 -17.05 8.18
O4B SMI D . 15.11 -15.24 7.16
MG MG E . 7.13 -11.77 5.77
MG MG F . 8.27 -8.55 4.49
PG ANP G . -10.98 6.86 -6.33
O1G ANP G . -10.03 6.60 -7.53
O2G ANP G . -12.27 7.22 -7.01
O3G ANP G . -11.31 5.50 -5.71
PB ANP G . -8.74 8.38 -5.22
O1B ANP G . -8.27 8.86 -3.87
O2B ANP G . -7.93 7.33 -5.93
N3B ANP G . -10.31 7.90 -5.27
PA ANP G . -8.65 9.90 -7.84
O1A ANP G . -9.85 10.01 -8.73
O2A ANP G . -7.70 8.84 -8.21
O3A ANP G . -9.00 9.58 -6.25
O5' ANP G . -7.94 11.28 -7.69
C5' ANP G . -8.78 12.37 -7.21
C4' ANP G . -8.31 13.68 -7.79
O4' ANP G . -8.80 14.70 -6.89
C3' ANP G . -6.78 13.87 -7.87
O3' ANP G . -6.36 14.57 -9.04
C2' ANP G . -6.53 14.67 -6.58
O2' ANP G . -5.34 15.40 -6.48
C1' ANP G . -7.75 15.58 -6.64
N9 ANP G . -8.08 16.29 -5.42
C8 ANP G . -8.40 17.62 -5.25
N7 ANP G . -8.61 17.92 -3.98
C5 ANP G . -8.41 16.72 -3.30
C6 ANP G . -8.47 16.38 -1.93
N6 ANP G . -8.74 17.27 -0.99
N1 ANP G . -8.21 15.09 -1.58
C2 ANP G . -7.93 14.22 -2.56
N3 ANP G . -7.84 14.42 -3.88
C4 ANP G . -8.09 15.71 -4.18
O1 SMI H . -11.33 9.42 -13.79
C2 SMI H . -12.30 9.08 -14.77
C2M SMI H . -11.58 8.17 -15.72
C3 SMI H . -12.86 10.32 -15.46
C4 SMI H . -13.37 11.33 -14.50
C5 SMI H . -12.38 11.63 -13.45
O5 SMI H . -13.05 12.32 -12.39
C6 SMI H . -11.80 10.34 -12.80
O1B SMI H . -11.35 12.37 -14.00
O2B SMI H . -10.79 10.73 -11.81
C7 SMI H . -10.26 12.63 -13.06
C8 SMI H . -9.15 13.37 -13.76
N8 SMI H . -9.69 14.61 -14.28
C8M SMI H . -8.82 15.34 -15.22
C9 SMI H . -8.01 13.65 -12.73
O9 SMI H . -8.48 14.57 -11.74
C10 SMI H . -7.61 12.30 -12.03
N10 SMI H . -6.53 12.60 -11.04
C1M SMI H . -5.40 13.04 -11.82
C11 SMI H . -8.76 11.62 -11.39
O11 SMI H . -8.38 10.37 -10.83
C12 SMI H . -9.75 11.33 -12.46
O4A SMI H . -13.69 12.53 -15.32
O4B SMI H . -14.47 10.87 -13.76
MG MG I . -7.91 6.62 -7.76
MG MG J . -6.77 9.07 -10.21
#